data_4U79
#
_entry.id   4U79
#
_cell.length_a   54.933
_cell.length_b   71.632
_cell.length_c   106.595
_cell.angle_alpha   90.00
_cell.angle_beta   90.00
_cell.angle_gamma   90.00
#
_symmetry.space_group_name_H-M   'P 21 21 21'
#
loop_
_entity.id
_entity.type
_entity.pdbx_description
1 polymer 'Mitogen-activated protein kinase 10'
2 non-polymer N-{4-[(3-{2-[(trans-4-aminocyclohexyl)amino]pyrimidin-4-yl}pyridin-2-yl)oxy]naphthalen-1-yl}benzenesulfonamide
3 water water
#
_entity_poly.entity_id   1
_entity_poly.type   'polypeptide(L)'
_entity_poly.pdbx_seq_one_letter_code
;MSKSKVDNQFYSVEVGDSTFTVLKRYQNLKPIGSGAQGIVCAAYDAVLDRNVAIKKLSRPFQNQTHAKRAYRELVLMKCV
NHKNIISLLNVFTPQKTLEEFQDVYLVMELMDANLCQVIQMELDHERMSYLLYQMLCGIKHLHSAGIIHRDLKPSNIVVK
SDCTLKILDFGLARTAGTSFMMTPYVVTRYYRAPEVILGMGYKENVDIWSVGCIMGEMVRHKILFPGRDYIDQWNKVIEQ
LGTPCPEFMKKLQPTVRNYVENRPKYAGLTFPKLFPDSLFPADSEHNKLKASQARDLLSKMLVIDPAKRISVDDALQHPY
INVWYDPAEVEAPPPQIYDKQLDEREHTIEEWKELIYKEVMNSE
;
_entity_poly.pdbx_strand_id   A
#
loop_
_chem_comp.id
_chem_comp.type
_chem_comp.name
_chem_comp.formula
3EL non-polymer N-{4-[(3-{2-[(trans-4-aminocyclohexyl)amino]pyrimidin-4-yl}pyridin-2-yl)oxy]naphthalen-1-yl}benzenesulfonamide 'C31 H30 N6 O3 S'
#
# COMPACT_ATOMS: atom_id res chain seq x y z
N VAL A 6 -9.85 14.79 -33.77
CA VAL A 6 -9.71 14.70 -32.33
C VAL A 6 -9.26 13.30 -31.92
N ASP A 7 -9.73 12.29 -32.64
CA ASP A 7 -9.26 10.92 -32.43
C ASP A 7 -7.97 10.58 -33.20
N ASN A 8 -7.61 11.40 -34.19
CA ASN A 8 -6.30 11.26 -34.83
C ASN A 8 -5.17 11.64 -33.84
N GLN A 9 -5.53 12.26 -32.72
CA GLN A 9 -4.62 12.42 -31.58
C GLN A 9 -4.15 11.11 -30.95
N PHE A 10 -4.89 10.03 -31.20
CA PHE A 10 -4.68 8.71 -30.60
C PHE A 10 -4.25 7.67 -31.63
N TYR A 11 -3.58 6.60 -31.18
CA TYR A 11 -3.33 5.43 -32.02
C TYR A 11 -3.58 4.18 -31.19
N SER A 12 -3.85 3.06 -31.84
CA SER A 12 -4.05 1.80 -31.14
C SER A 12 -2.94 0.80 -31.41
N VAL A 13 -2.63 0.01 -30.39
CA VAL A 13 -1.71 -1.13 -30.52
C VAL A 13 -2.22 -2.31 -29.73
N GLU A 14 -1.91 -3.50 -30.21
CA GLU A 14 -2.31 -4.73 -29.56
C GLU A 14 -1.27 -5.02 -28.48
N VAL A 15 -1.71 -5.17 -27.23
CA VAL A 15 -0.85 -5.66 -26.17
C VAL A 15 -1.48 -6.91 -25.56
N GLY A 16 -0.95 -8.07 -25.95
CA GLY A 16 -1.46 -9.35 -25.51
C GLY A 16 -2.90 -9.52 -25.93
N ASP A 17 -3.77 -9.75 -24.95
CA ASP A 17 -5.18 -10.03 -25.23
C ASP A 17 -6.01 -8.73 -25.31
N SER A 18 -5.37 -7.58 -25.08
CA SER A 18 -6.06 -6.28 -25.04
C SER A 18 -5.51 -5.27 -26.04
N THR A 19 -6.25 -4.17 -26.20
CA THR A 19 -5.94 -3.12 -27.14
C THR A 19 -5.81 -1.80 -26.40
N PHE A 20 -4.63 -1.19 -26.49
CA PHE A 20 -4.39 0.12 -25.91
C PHE A 20 -4.54 1.18 -26.98
N THR A 21 -5.31 2.22 -26.67
CA THR A 21 -5.55 3.32 -27.58
C THR A 21 -5.14 4.56 -26.83
N VAL A 22 -3.94 5.07 -27.09
CA VAL A 22 -3.39 6.19 -26.31
C VAL A 22 -2.99 7.39 -27.17
N LEU A 23 -2.73 8.50 -26.51
CA LEU A 23 -2.20 9.69 -27.16
C LEU A 23 -0.88 9.38 -27.84
N LYS A 24 -0.61 10.09 -28.93
CA LYS A 24 0.52 9.75 -29.79
C LYS A 24 1.84 9.99 -29.10
N ARG A 25 1.84 10.89 -28.12
CA ARG A 25 2.99 11.18 -27.33
C ARG A 25 3.57 9.96 -26.65
N TYR A 26 2.74 8.95 -26.36
CA TYR A 26 3.23 7.76 -25.65
C TYR A 26 3.66 6.73 -26.68
N GLN A 27 4.91 6.30 -26.61
CA GLN A 27 5.54 5.45 -27.63
C GLN A 27 6.19 4.17 -27.06
N ASN A 28 6.36 3.17 -27.92
CA ASN A 28 7.00 1.91 -27.58
C ASN A 28 6.47 1.25 -26.33
N LEU A 29 5.18 0.88 -26.34
CA LEU A 29 4.54 0.28 -25.17
C LEU A 29 5.00 -1.15 -24.92
N LYS A 30 5.37 -1.45 -23.68
CA LYS A 30 5.72 -2.81 -23.27
C LYS A 30 4.82 -3.22 -22.09
N PRO A 31 4.25 -4.43 -22.10
CA PRO A 31 3.43 -4.85 -20.92
C PRO A 31 4.30 -5.06 -19.69
N ILE A 32 3.84 -4.57 -18.54
CA ILE A 32 4.56 -4.75 -17.28
C ILE A 32 3.65 -5.14 -16.13
N GLY A 33 2.44 -5.59 -16.43
CA GLY A 33 1.50 -5.95 -15.39
C GLY A 33 0.07 -6.12 -15.86
N SER A 34 -0.58 -7.17 -15.36
CA SER A 34 -1.96 -7.47 -15.70
C SER A 34 -2.69 -8.05 -14.50
N GLY A 35 -4.01 -7.86 -14.48
CA GLY A 35 -4.82 -8.39 -13.39
C GLY A 35 -6.19 -7.76 -13.31
N GLY A 38 -6.57 -3.31 -13.76
CA GLY A 38 -6.47 -3.20 -15.22
C GLY A 38 -5.13 -3.64 -15.82
N ILE A 39 -4.87 -3.25 -17.05
CA ILE A 39 -3.62 -3.63 -17.69
C ILE A 39 -2.66 -2.47 -17.64
N VAL A 40 -1.40 -2.76 -17.40
CA VAL A 40 -0.37 -1.73 -17.30
C VAL A 40 0.76 -1.91 -18.35
N CYS A 41 1.19 -0.78 -18.93
CA CYS A 41 2.28 -0.75 -19.92
C CYS A 41 3.30 0.30 -19.57
N ALA A 42 4.55 0.03 -19.88
CA ALA A 42 5.61 1.04 -19.84
C ALA A 42 5.58 1.76 -21.16
N ALA A 43 6.02 3.01 -21.17
CA ALA A 43 6.09 3.74 -22.38
C ALA A 43 7.04 4.89 -22.27
N TYR A 44 7.54 5.30 -23.43
CA TYR A 44 8.26 6.54 -23.57
C TYR A 44 7.27 7.68 -23.92
N ASP A 45 7.34 8.77 -23.17
CA ASP A 45 6.52 9.96 -23.40
C ASP A 45 7.37 11.05 -24.04
N ALA A 46 7.15 11.26 -25.34
CA ALA A 46 7.91 12.22 -26.15
C ALA A 46 7.76 13.69 -25.75
N VAL A 47 6.67 14.06 -25.11
CA VAL A 47 6.51 15.45 -24.65
C VAL A 47 7.32 15.74 -23.38
N LEU A 48 7.34 14.80 -22.43
CA LEU A 48 8.12 15.01 -21.19
C LEU A 48 9.55 14.52 -21.30
N ASP A 49 9.82 13.71 -22.32
CA ASP A 49 11.10 13.06 -22.51
C ASP A 49 11.44 12.23 -21.26
N ARG A 50 10.53 11.32 -20.94
CA ARG A 50 10.81 10.32 -19.91
C ARG A 50 9.83 9.18 -19.96
N ASN A 51 10.17 8.12 -19.26
CA ASN A 51 9.37 6.91 -19.24
C ASN A 51 8.23 6.97 -18.22
N VAL A 52 7.13 6.35 -18.59
CA VAL A 52 5.93 6.43 -17.82
C VAL A 52 5.27 5.05 -17.78
N ALA A 53 4.35 4.90 -16.84
CA ALA A 53 3.52 3.72 -16.77
C ALA A 53 2.11 4.16 -17.12
N ILE A 54 1.48 3.38 -17.97
CA ILE A 54 0.13 3.66 -18.44
C ILE A 54 -0.83 2.56 -18.04
N LYS A 55 -1.81 2.92 -17.23
CA LYS A 55 -2.78 1.92 -16.80
C LYS A 55 -4.10 2.07 -17.52
N LYS A 56 -4.58 0.98 -18.08
CA LYS A 56 -5.88 0.94 -18.71
C LYS A 56 -6.98 0.37 -17.80
N LEU A 57 -7.89 1.23 -17.36
CA LEU A 57 -9.17 0.80 -16.75
C LEU A 57 -10.23 0.52 -17.81
N SER A 58 -10.57 -0.73 -17.96
CA SER A 58 -11.60 -1.12 -18.88
C SER A 58 -13.00 -1.18 -18.22
N ARG A 59 -13.92 -0.32 -18.66
CA ARG A 59 -15.27 -0.24 -18.10
C ARG A 59 -15.22 -0.30 -16.57
N PRO A 60 -14.68 0.74 -15.93
CA PRO A 60 -14.54 0.75 -14.47
C PRO A 60 -15.89 0.92 -13.75
N PHE A 61 -16.85 1.43 -14.49
CA PHE A 61 -18.21 1.53 -14.02
C PHE A 61 -19.01 0.22 -14.20
N GLN A 62 -18.37 -0.86 -14.64
CA GLN A 62 -19.08 -2.13 -14.83
C GLN A 62 -19.68 -2.75 -13.56
N ASN A 63 -19.15 -2.43 -12.38
CA ASN A 63 -19.83 -2.76 -11.13
C ASN A 63 -19.43 -1.79 -10.05
N GLN A 64 -20.14 -1.79 -8.96
CA GLN A 64 -19.92 -0.81 -7.91
C GLN A 64 -18.61 -0.94 -7.17
N THR A 65 -18.06 -2.15 -7.11
CA THR A 65 -16.77 -2.34 -6.47
C THR A 65 -15.67 -1.69 -7.32
N HIS A 66 -15.53 -2.11 -8.57
CA HIS A 66 -14.61 -1.43 -9.50
C HIS A 66 -14.88 0.08 -9.54
N ALA A 67 -16.15 0.50 -9.56
CA ALA A 67 -16.43 1.90 -9.83
C ALA A 67 -16.16 2.80 -8.66
N LYS A 68 -16.46 2.36 -7.46
CA LYS A 68 -16.23 3.19 -6.29
C LYS A 68 -14.74 3.37 -6.10
N ARG A 69 -14.00 2.27 -6.23
CA ARG A 69 -12.57 2.31 -6.13
C ARG A 69 -11.99 3.25 -7.20
N ALA A 70 -12.32 3.04 -8.46
CA ALA A 70 -11.74 3.90 -9.51
C ALA A 70 -12.01 5.38 -9.26
N TYR A 71 -13.18 5.68 -8.73
CA TYR A 71 -13.57 7.07 -8.57
C TYR A 71 -12.83 7.72 -7.41
N ARG A 72 -12.81 7.01 -6.28
CA ARG A 72 -12.10 7.45 -5.09
C ARG A 72 -10.61 7.67 -5.39
N GLU A 73 -10.01 6.76 -6.14
CA GLU A 73 -8.63 6.85 -6.55
C GLU A 73 -8.39 8.18 -7.35
N LEU A 74 -9.16 8.38 -8.43
CA LEU A 74 -9.06 9.61 -9.24
C LEU A 74 -9.22 10.88 -8.43
N VAL A 75 -10.29 10.97 -7.67
CA VAL A 75 -10.49 12.12 -6.82
C VAL A 75 -9.30 12.32 -5.87
N LEU A 76 -8.86 11.27 -5.17
CA LEU A 76 -7.80 11.42 -4.17
C LEU A 76 -6.45 11.89 -4.75
N MET A 77 -6.22 11.58 -6.00
CA MET A 77 -5.00 11.98 -6.67
C MET A 77 -4.89 13.49 -6.76
N LYS A 78 -6.01 14.19 -6.60
CA LYS A 78 -5.94 15.64 -6.45
C LYS A 78 -5.95 16.17 -5.00
N CYS A 79 -6.29 15.35 -4.03
CA CYS A 79 -6.34 15.73 -2.63
C CYS A 79 -4.96 15.54 -2.01
N VAL A 80 -4.01 15.09 -2.83
CA VAL A 80 -2.66 14.76 -2.35
C VAL A 80 -1.54 15.00 -3.38
N ASN A 81 -0.55 15.77 -2.95
CA ASN A 81 0.70 15.92 -3.69
C ASN A 81 1.86 15.65 -2.72
N HIS A 82 2.58 14.54 -2.93
CA HIS A 82 3.67 14.15 -2.05
C HIS A 82 4.52 13.10 -2.75
N LYS A 83 5.84 13.23 -2.60
CA LYS A 83 6.76 12.42 -3.40
C LYS A 83 6.72 10.94 -3.09
N ASN A 84 6.28 10.58 -1.88
CA ASN A 84 6.11 9.16 -1.55
C ASN A 84 4.72 8.55 -1.90
N ILE A 85 3.84 9.31 -2.59
CA ILE A 85 2.53 8.81 -3.01
C ILE A 85 2.41 8.97 -4.53
N ILE A 86 1.76 7.98 -5.15
CA ILE A 86 1.43 8.02 -6.58
C ILE A 86 0.92 9.41 -6.95
N SER A 87 1.39 9.88 -8.09
CA SER A 87 0.94 11.13 -8.66
C SER A 87 0.61 10.89 -10.11
N LEU A 88 -0.46 11.52 -10.56
CA LEU A 88 -0.90 11.37 -11.93
C LEU A 88 -0.28 12.44 -12.80
N LEU A 89 0.35 12.02 -13.90
CA LEU A 89 0.85 12.95 -14.94
C LEU A 89 -0.24 13.31 -15.94
N ASN A 90 -1.11 12.36 -16.23
CA ASN A 90 -2.14 12.54 -17.24
C ASN A 90 -3.29 11.56 -17.02
N VAL A 91 -4.49 12.00 -17.34
CA VAL A 91 -5.69 11.13 -17.42
C VAL A 91 -6.37 11.38 -18.75
N PHE A 92 -6.78 10.32 -19.44
CA PHE A 92 -7.55 10.52 -20.63
C PHE A 92 -8.44 9.34 -20.98
N THR A 93 -9.43 9.64 -21.83
CA THR A 93 -10.20 8.64 -22.52
C THR A 93 -10.18 8.95 -24.02
N PRO A 94 -10.04 7.90 -24.82
CA PRO A 94 -10.12 8.03 -26.26
C PRO A 94 -11.55 8.23 -26.77
N GLN A 95 -12.56 7.91 -25.96
CA GLN A 95 -13.94 8.08 -26.39
C GLN A 95 -14.40 9.53 -26.22
N LYS A 96 -15.28 9.94 -27.14
CA LYS A 96 -15.55 11.34 -27.36
C LYS A 96 -16.78 11.82 -26.63
N THR A 97 -17.73 10.93 -26.35
CA THR A 97 -18.99 11.26 -25.70
C THR A 97 -19.30 10.31 -24.56
N LEU A 98 -20.08 10.80 -23.59
CA LEU A 98 -20.56 10.03 -22.43
C LEU A 98 -21.13 8.67 -22.83
N GLU A 99 -21.83 8.67 -23.96
CA GLU A 99 -22.56 7.49 -24.44
C GLU A 99 -21.61 6.42 -24.96
N GLU A 100 -20.51 6.84 -25.59
CA GLU A 100 -19.52 5.90 -26.13
C GLU A 100 -18.41 5.52 -25.12
N PHE A 101 -18.34 6.26 -24.02
CA PHE A 101 -17.31 6.10 -23.00
C PHE A 101 -17.13 4.66 -22.48
N GLN A 102 -15.90 4.18 -22.48
CA GLN A 102 -15.59 2.81 -22.05
C GLN A 102 -14.38 2.70 -21.14
N ASP A 103 -13.29 3.27 -21.60
CA ASP A 103 -12.02 3.15 -20.95
C ASP A 103 -11.41 4.45 -20.44
N VAL A 104 -10.70 4.31 -19.31
CA VAL A 104 -9.93 5.39 -18.76
C VAL A 104 -8.48 4.93 -18.72
N TYR A 105 -7.56 5.83 -19.09
CA TYR A 105 -6.15 5.56 -19.06
C TYR A 105 -5.53 6.52 -18.08
N LEU A 106 -4.60 6.02 -17.28
CA LEU A 106 -3.98 6.80 -16.22
C LEU A 106 -2.52 6.65 -16.43
N VAL A 107 -1.78 7.75 -16.27
CA VAL A 107 -0.35 7.78 -16.55
C VAL A 107 0.38 8.29 -15.31
N MET A 108 1.43 7.57 -14.91
CA MET A 108 2.32 8.05 -13.83
C MET A 108 3.78 7.81 -14.21
N GLU A 109 4.73 8.33 -13.41
CA GLU A 109 6.12 8.00 -13.69
C GLU A 109 6.40 6.53 -13.53
N LEU A 110 7.22 6.01 -14.42
CA LEU A 110 7.57 4.61 -14.45
C LEU A 110 8.58 4.33 -13.34
N MET A 111 8.30 3.33 -12.52
CA MET A 111 9.15 2.93 -11.42
C MET A 111 9.79 1.61 -11.83
N ASP A 112 10.77 1.14 -11.06
CA ASP A 112 11.56 -0.03 -11.47
C ASP A 112 11.11 -1.32 -10.89
N ALA A 113 10.53 -1.30 -9.70
CA ALA A 113 10.25 -2.56 -9.03
C ALA A 113 9.18 -2.36 -8.00
N ASN A 114 8.49 -3.44 -7.64
CA ASN A 114 7.61 -3.38 -6.47
C ASN A 114 8.29 -4.04 -5.29
N LEU A 115 7.69 -3.91 -4.12
CA LEU A 115 8.32 -4.41 -2.92
C LEU A 115 8.41 -5.94 -2.84
N CYS A 116 7.50 -6.68 -3.45
CA CYS A 116 7.69 -8.13 -3.52
C CYS A 116 9.10 -8.46 -4.00
N GLN A 117 9.61 -7.75 -5.01
CA GLN A 117 10.93 -8.05 -5.62
C GLN A 117 12.07 -7.71 -4.66
N VAL A 118 11.93 -6.58 -3.97
CA VAL A 118 12.89 -6.11 -3.00
C VAL A 118 12.94 -7.01 -1.77
N ILE A 119 11.80 -7.60 -1.41
CA ILE A 119 11.68 -8.53 -0.30
C ILE A 119 12.54 -9.79 -0.50
N GLN A 120 12.69 -10.19 -1.76
CA GLN A 120 13.50 -11.35 -2.13
C GLN A 120 15.00 -11.06 -2.18
N MET A 121 15.41 -9.83 -1.87
CA MET A 121 16.80 -9.41 -1.89
C MET A 121 17.28 -9.24 -0.46
N GLU A 122 18.57 -9.42 -0.19
CA GLU A 122 19.14 -8.92 1.09
C GLU A 122 19.38 -7.44 0.93
N LEU A 123 19.12 -6.68 1.97
CA LEU A 123 19.35 -5.24 1.96
C LEU A 123 20.22 -4.81 3.14
N ASP A 124 21.09 -3.84 2.92
CA ASP A 124 21.78 -3.19 4.04
C ASP A 124 20.75 -2.47 4.90
N HIS A 125 21.17 -1.98 6.07
CA HIS A 125 20.30 -1.23 6.98
C HIS A 125 19.95 0.16 6.51
N GLU A 126 20.87 0.79 5.79
CA GLU A 126 20.64 2.12 5.28
C GLU A 126 19.49 2.11 4.23
N ARG A 127 19.41 1.08 3.39
CA ARG A 127 18.37 0.94 2.39
C ARG A 127 17.05 0.56 3.05
N MET A 128 17.09 -0.43 3.94
CA MET A 128 15.88 -0.85 4.60
C MET A 128 15.29 0.30 5.39
N SER A 129 16.12 0.99 6.17
CA SER A 129 15.63 2.10 6.97
C SER A 129 15.10 3.25 6.13
N TYR A 130 15.67 3.48 4.95
CA TYR A 130 15.23 4.60 4.09
C TYR A 130 13.88 4.25 3.46
N LEU A 131 13.72 3.01 3.03
CA LEU A 131 12.48 2.54 2.50
C LEU A 131 11.36 2.69 3.52
N LEU A 132 11.65 2.24 4.74
CA LEU A 132 10.74 2.34 5.86
C LEU A 132 10.38 3.77 6.17
N TYR A 133 11.37 4.65 6.14
CA TYR A 133 11.12 6.07 6.41
C TYR A 133 10.13 6.68 5.41
N GLN A 134 10.27 6.27 4.15
CA GLN A 134 9.49 6.85 3.09
C GLN A 134 8.04 6.36 3.18
N MET A 135 7.88 5.07 3.47
CA MET A 135 6.56 4.51 3.74
C MET A 135 5.86 5.30 4.80
N LEU A 136 6.56 5.55 5.89
CA LEU A 136 5.98 6.24 7.04
C LEU A 136 5.62 7.67 6.71
N CYS A 137 6.45 8.34 5.91
CA CYS A 137 6.17 9.71 5.44
C CYS A 137 4.91 9.78 4.58
N GLY A 138 4.77 8.81 3.68
CA GLY A 138 3.62 8.73 2.81
C GLY A 138 2.36 8.52 3.62
N ILE A 139 2.46 7.65 4.63
CA ILE A 139 1.33 7.34 5.47
C ILE A 139 0.93 8.54 6.31
N LYS A 140 1.91 9.25 6.84
CA LYS A 140 1.64 10.41 7.65
C LYS A 140 0.99 11.48 6.83
N HIS A 141 1.43 11.63 5.59
CA HIS A 141 0.79 12.61 4.71
C HIS A 141 -0.69 12.24 4.45
N LEU A 142 -0.91 10.98 4.08
CA LEU A 142 -2.26 10.41 4.00
C LEU A 142 -3.12 10.63 5.26
N HIS A 143 -2.61 10.20 6.40
CA HIS A 143 -3.38 10.37 7.66
C HIS A 143 -3.70 11.82 7.89
N SER A 144 -2.81 12.73 7.51
CA SER A 144 -3.06 14.18 7.74
C SER A 144 -4.20 14.68 6.84
N ALA A 145 -4.41 14.01 5.71
CA ALA A 145 -5.54 14.31 4.84
C ALA A 145 -6.81 13.59 5.31
N GLY A 146 -6.74 12.82 6.38
CA GLY A 146 -7.89 12.03 6.83
C GLY A 146 -8.02 10.66 6.17
N ILE A 147 -7.01 10.25 5.42
CA ILE A 147 -7.03 8.99 4.71
C ILE A 147 -6.27 7.94 5.54
N ILE A 148 -6.96 6.90 5.99
CA ILE A 148 -6.36 5.78 6.72
C ILE A 148 -6.44 4.61 5.79
N HIS A 149 -5.30 4.03 5.44
CA HIS A 149 -5.20 3.19 4.27
C HIS A 149 -5.78 1.83 4.54
N ARG A 150 -5.23 1.14 5.54
CA ARG A 150 -5.67 -0.18 6.05
C ARG A 150 -5.46 -1.34 5.10
N ASP A 151 -4.86 -1.10 3.94
CA ASP A 151 -4.51 -2.20 3.07
C ASP A 151 -3.10 -2.14 2.44
N LEU A 152 -2.12 -1.56 3.13
CA LEU A 152 -0.75 -1.56 2.60
C LEU A 152 -0.19 -2.96 2.44
N LYS A 153 0.46 -3.19 1.31
CA LYS A 153 1.04 -4.48 1.02
C LYS A 153 2.21 -4.34 0.01
N PRO A 154 3.13 -5.29 0.03
CA PRO A 154 4.29 -5.15 -0.87
C PRO A 154 3.90 -4.92 -2.34
N SER A 155 2.79 -5.51 -2.82
CA SER A 155 2.41 -5.37 -4.23
C SER A 155 1.92 -3.99 -4.61
N ASN A 156 1.54 -3.14 -3.67
CA ASN A 156 1.13 -1.78 -4.00
C ASN A 156 2.12 -0.72 -3.53
N ILE A 157 3.37 -1.14 -3.38
CA ILE A 157 4.46 -0.21 -3.14
C ILE A 157 5.54 -0.46 -4.19
N VAL A 158 6.06 0.64 -4.74
CA VAL A 158 7.01 0.55 -5.81
C VAL A 158 8.21 1.42 -5.50
N VAL A 159 9.35 0.98 -6.06
CA VAL A 159 10.62 1.59 -5.85
C VAL A 159 11.36 1.80 -7.16
N LYS A 160 12.31 2.74 -7.09
CA LYS A 160 13.31 2.93 -8.12
C LYS A 160 14.64 2.35 -7.66
N SER A 161 15.58 2.29 -8.59
CA SER A 161 16.93 1.81 -8.32
C SER A 161 17.67 2.66 -7.33
N ASP A 162 17.35 3.94 -7.22
CA ASP A 162 17.96 4.83 -6.23
C ASP A 162 17.30 4.77 -4.86
N CYS A 163 16.45 3.76 -4.66
CA CYS A 163 15.80 3.53 -3.37
C CYS A 163 14.63 4.48 -3.04
N THR A 164 14.20 5.32 -3.96
CA THR A 164 13.03 6.16 -3.70
C THR A 164 11.79 5.28 -3.81
N LEU A 165 10.72 5.65 -3.11
CA LEU A 165 9.57 4.75 -2.92
C LEU A 165 8.26 5.47 -3.09
N LYS A 166 7.26 4.79 -3.64
CA LYS A 166 5.93 5.34 -3.70
C LYS A 166 4.85 4.33 -3.33
N ILE A 167 3.83 4.82 -2.64
CA ILE A 167 2.61 4.05 -2.37
C ILE A 167 1.66 4.28 -3.52
N LEU A 168 1.15 3.19 -4.09
CA LEU A 168 0.41 3.22 -5.36
C LEU A 168 -1.09 3.43 -5.24
N ASP A 169 -1.70 3.12 -4.10
CA ASP A 169 -3.13 3.36 -3.99
C ASP A 169 -3.55 3.87 -2.62
N PHE A 170 -4.83 4.15 -2.48
CA PHE A 170 -5.31 4.90 -1.35
C PHE A 170 -6.07 4.07 -0.32
N GLY A 171 -6.09 2.76 -0.53
CA GLY A 171 -6.60 1.85 0.44
C GLY A 171 -8.07 1.53 0.34
N LEU A 172 -8.62 1.15 1.48
CA LEU A 172 -10.02 0.84 1.64
C LEU A 172 -10.77 2.10 2.04
N ALA A 173 -12.04 2.16 1.67
CA ALA A 173 -12.89 3.28 2.03
C ALA A 173 -13.31 3.18 3.50
N ARG A 174 -13.79 4.28 4.05
CA ARG A 174 -14.42 4.28 5.38
C ARG A 174 -15.44 3.12 5.56
N THR A 175 -16.17 2.78 4.49
CA THR A 175 -17.07 1.62 4.50
C THR A 175 -16.78 0.66 3.35
N VAL A 187 -7.58 -11.62 -3.72
CA VAL A 187 -7.25 -10.55 -2.78
C VAL A 187 -6.29 -11.08 -1.70
N THR A 188 -5.22 -10.33 -1.45
CA THR A 188 -4.20 -10.70 -0.46
C THR A 188 -4.41 -9.92 0.83
N ARG A 189 -4.49 -10.66 1.95
CA ARG A 189 -4.88 -10.12 3.25
C ARG A 189 -3.82 -10.29 4.38
N TYR A 190 -2.70 -10.92 4.06
CA TYR A 190 -1.66 -11.20 5.09
C TYR A 190 -1.18 -10.00 5.88
N TYR A 191 -1.42 -8.79 5.38
CA TYR A 191 -0.90 -7.55 5.96
C TYR A 191 -1.95 -6.74 6.72
N ARG A 192 -3.14 -7.28 6.83
CA ARG A 192 -4.22 -6.58 7.50
C ARG A 192 -4.14 -6.68 9.00
N ALA A 193 -4.38 -5.54 9.62
CA ALA A 193 -4.30 -5.39 11.04
C ALA A 193 -5.32 -6.29 11.79
N PRO A 194 -5.04 -6.62 13.05
CA PRO A 194 -5.96 -7.41 13.86
C PRO A 194 -7.31 -6.72 13.98
N GLU A 195 -7.28 -5.41 14.22
CA GLU A 195 -8.50 -4.67 14.41
C GLU A 195 -9.37 -4.62 13.15
N VAL A 196 -8.76 -4.74 11.99
CA VAL A 196 -9.50 -4.92 10.74
C VAL A 196 -10.08 -6.32 10.70
N ILE A 197 -9.19 -7.32 10.81
CA ILE A 197 -9.55 -8.76 10.73
C ILE A 197 -10.67 -9.17 11.69
N LEU A 198 -10.73 -8.49 12.83
CA LEU A 198 -11.72 -8.79 13.84
C LEU A 198 -12.89 -7.78 13.88
N GLY A 199 -12.97 -6.88 12.91
CA GLY A 199 -14.05 -5.89 12.83
C GLY A 199 -14.19 -5.00 14.06
N MET A 200 -13.11 -4.41 14.56
CA MET A 200 -13.22 -3.73 15.87
C MET A 200 -13.10 -2.19 15.93
N GLY A 201 -13.04 -1.50 14.82
CA GLY A 201 -12.77 -0.07 14.92
C GLY A 201 -11.26 0.18 15.08
N TYR A 202 -10.81 1.34 14.62
CA TYR A 202 -9.38 1.55 14.39
C TYR A 202 -9.09 3.00 14.40
N LYS A 203 -7.81 3.30 14.46
CA LYS A 203 -7.32 4.65 14.32
C LYS A 203 -6.04 4.60 13.45
N GLU A 204 -5.36 5.73 13.34
CA GLU A 204 -4.22 5.93 12.42
C GLU A 204 -3.22 4.77 12.50
N ASN A 205 -2.89 4.33 13.69
CA ASN A 205 -1.83 3.30 13.79
C ASN A 205 -2.24 1.89 13.34
N VAL A 206 -3.46 1.72 12.82
CA VAL A 206 -3.79 0.53 12.07
C VAL A 206 -2.80 0.29 10.90
N ASP A 207 -2.26 1.37 10.33
CA ASP A 207 -1.28 1.23 9.26
C ASP A 207 0.16 0.82 9.73
N ILE A 208 0.49 1.10 10.98
CA ILE A 208 1.76 0.61 11.55
C ILE A 208 1.86 -0.94 11.54
N TRP A 209 0.73 -1.63 11.70
CA TRP A 209 0.78 -3.08 11.70
C TRP A 209 1.29 -3.61 10.38
N SER A 210 0.70 -3.10 9.30
CA SER A 210 1.07 -3.52 7.95
C SER A 210 2.56 -3.21 7.63
N VAL A 211 3.04 -2.04 8.06
CA VAL A 211 4.41 -1.72 7.89
C VAL A 211 5.34 -2.68 8.63
N GLY A 212 4.91 -3.09 9.83
CA GLY A 212 5.59 -4.12 10.62
C GLY A 212 5.58 -5.47 9.93
N CYS A 213 4.45 -5.86 9.35
CA CYS A 213 4.40 -7.09 8.55
C CYS A 213 5.35 -7.05 7.36
N ILE A 214 5.49 -5.88 6.72
CA ILE A 214 6.37 -5.72 5.56
C ILE A 214 7.83 -5.72 6.02
N MET A 215 8.12 -4.94 7.07
CA MET A 215 9.47 -4.94 7.65
C MET A 215 9.91 -6.35 8.05
N GLY A 216 9.03 -7.06 8.74
CA GLY A 216 9.33 -8.40 9.18
C GLY A 216 9.59 -9.38 8.05
N GLU A 217 8.83 -9.23 6.99
CA GLU A 217 9.02 -10.03 5.78
C GLU A 217 10.34 -9.69 5.05
N MET A 218 10.70 -8.41 5.01
CA MET A 218 11.98 -8.00 4.38
C MET A 218 13.15 -8.65 5.12
N VAL A 219 12.98 -8.86 6.41
CA VAL A 219 14.04 -9.43 7.24
C VAL A 219 14.09 -10.94 7.12
N ARG A 220 12.92 -11.56 7.19
CA ARG A 220 12.79 -13.00 7.20
C ARG A 220 12.68 -13.61 5.79
N HIS A 221 12.44 -12.78 4.77
CA HIS A 221 12.19 -13.25 3.40
C HIS A 221 11.04 -14.30 3.28
N LYS A 222 10.12 -14.27 4.24
CA LYS A 222 8.98 -15.16 4.25
C LYS A 222 7.79 -14.39 4.79
N ILE A 223 6.61 -14.60 4.20
CA ILE A 223 5.39 -13.92 4.66
C ILE A 223 5.20 -14.31 6.13
N LEU A 224 4.96 -13.34 6.98
CA LEU A 224 4.83 -13.56 8.41
C LEU A 224 3.59 -14.36 8.83
N PHE A 225 2.43 -13.97 8.29
CA PHE A 225 1.15 -14.51 8.76
C PHE A 225 0.35 -15.02 7.60
N PRO A 226 0.85 -16.06 6.91
CA PRO A 226 0.17 -16.54 5.72
C PRO A 226 -1.06 -17.34 6.10
N GLY A 227 -2.02 -17.42 5.20
CA GLY A 227 -3.28 -18.08 5.53
C GLY A 227 -4.29 -17.92 4.43
N ARG A 228 -5.04 -18.99 4.18
CA ARG A 228 -6.04 -19.03 3.12
C ARG A 228 -7.29 -18.21 3.48
N ASP A 229 -7.50 -17.98 4.77
CA ASP A 229 -8.60 -17.13 5.21
C ASP A 229 -8.28 -16.53 6.58
N TYR A 230 -9.16 -15.66 7.06
CA TYR A 230 -8.90 -14.92 8.31
C TYR A 230 -8.73 -15.82 9.55
N ILE A 231 -9.41 -16.96 9.55
CA ILE A 231 -9.26 -17.94 10.65
C ILE A 231 -7.78 -18.30 10.75
N ASP A 232 -7.28 -18.84 9.64
CA ASP A 232 -5.89 -19.25 9.45
C ASP A 232 -4.92 -18.12 9.87
N GLN A 233 -5.20 -16.92 9.36
CA GLN A 233 -4.37 -15.77 9.63
C GLN A 233 -4.34 -15.48 11.09
N TRP A 234 -5.50 -15.44 11.71
CA TRP A 234 -5.53 -15.12 13.14
C TRP A 234 -4.71 -16.15 13.94
N ASN A 235 -4.84 -17.43 13.60
CA ASN A 235 -4.03 -18.46 14.27
C ASN A 235 -2.55 -18.27 14.11
N LYS A 236 -2.11 -17.87 12.91
CA LYS A 236 -0.67 -17.65 12.68
C LYS A 236 -0.17 -16.44 13.47
N VAL A 237 -1.03 -15.44 13.63
CA VAL A 237 -0.67 -14.28 14.47
C VAL A 237 -0.47 -14.62 15.96
N ILE A 238 -1.44 -15.27 16.63
CA ILE A 238 -1.30 -15.48 18.08
C ILE A 238 -0.24 -16.54 18.44
N GLU A 239 -0.07 -17.53 17.56
CA GLU A 239 0.87 -18.60 17.81
C GLU A 239 2.32 -18.14 17.71
N GLN A 240 2.56 -17.00 17.05
CA GLN A 240 3.87 -16.34 17.03
C GLN A 240 3.97 -15.18 18.00
N LEU A 241 2.92 -14.37 18.10
CA LEU A 241 2.99 -13.19 18.97
C LEU A 241 2.41 -13.42 20.38
N GLY A 242 1.64 -14.48 20.53
CA GLY A 242 0.96 -14.76 21.79
C GLY A 242 -0.48 -14.31 21.77
N THR A 243 -1.28 -14.96 22.61
CA THR A 243 -2.62 -14.52 22.91
C THR A 243 -2.55 -13.13 23.51
N PRO A 244 -3.37 -12.20 23.02
CA PRO A 244 -3.42 -10.83 23.54
C PRO A 244 -4.15 -10.68 24.88
N CYS A 245 -3.83 -9.61 25.61
CA CYS A 245 -4.34 -9.29 26.93
C CYS A 245 -5.86 -9.19 27.03
N PRO A 246 -6.41 -9.34 28.26
CA PRO A 246 -7.85 -9.24 28.52
C PRO A 246 -8.51 -7.91 28.07
N GLU A 247 -7.82 -6.79 28.29
CA GLU A 247 -8.36 -5.48 27.88
C GLU A 247 -8.69 -5.46 26.37
N PHE A 248 -7.82 -6.09 25.57
CA PHE A 248 -8.04 -6.21 24.13
C PHE A 248 -9.27 -7.05 23.82
N MET A 249 -9.30 -8.27 24.38
CA MET A 249 -10.48 -9.17 24.28
C MET A 249 -11.77 -8.46 24.61
N LYS A 250 -11.76 -7.64 25.65
CA LYS A 250 -12.98 -6.99 26.09
C LYS A 250 -13.40 -5.85 25.17
N LYS A 251 -12.61 -5.54 24.14
CA LYS A 251 -13.03 -4.58 23.10
C LYS A 251 -13.68 -5.27 21.89
N LEU A 252 -13.72 -6.60 21.89
CA LEU A 252 -14.34 -7.32 20.79
C LEU A 252 -15.84 -7.47 21.00
N GLN A 253 -16.58 -7.56 19.89
CA GLN A 253 -18.02 -7.87 19.91
C GLN A 253 -18.25 -9.27 20.50
N PRO A 254 -19.42 -9.49 21.14
CA PRO A 254 -19.71 -10.78 21.79
C PRO A 254 -19.37 -11.99 20.92
N THR A 255 -19.89 -12.00 19.69
CA THR A 255 -19.64 -13.09 18.75
C THR A 255 -18.17 -13.37 18.45
N VAL A 256 -17.44 -12.33 18.05
CA VAL A 256 -16.03 -12.44 17.68
C VAL A 256 -15.17 -12.76 18.91
N ARG A 257 -15.51 -12.16 20.05
CA ARG A 257 -14.80 -12.39 21.31
C ARG A 257 -14.93 -13.84 21.75
N ASN A 258 -16.14 -14.38 21.62
CA ASN A 258 -16.37 -15.76 21.91
C ASN A 258 -15.36 -16.59 21.13
N TYR A 259 -15.34 -16.38 19.82
CA TYR A 259 -14.54 -17.18 18.91
C TYR A 259 -13.04 -17.04 19.21
N VAL A 260 -12.59 -15.80 19.38
CA VAL A 260 -11.19 -15.49 19.69
C VAL A 260 -10.76 -15.99 21.06
N GLU A 261 -11.62 -15.87 22.07
CA GLU A 261 -11.28 -16.39 23.41
C GLU A 261 -11.35 -17.90 23.55
N ASN A 262 -12.16 -18.58 22.75
CA ASN A 262 -12.19 -20.05 22.75
C ASN A 262 -11.13 -20.69 21.85
N ARG A 263 -10.18 -19.90 21.37
CA ARG A 263 -9.02 -20.44 20.67
C ARG A 263 -8.06 -21.08 21.67
N PRO A 264 -7.33 -22.12 21.23
CA PRO A 264 -6.18 -22.60 21.97
C PRO A 264 -5.29 -21.44 22.34
N LYS A 265 -4.91 -21.34 23.60
CA LYS A 265 -4.11 -20.23 24.07
C LYS A 265 -2.65 -20.44 23.71
N TYR A 266 -1.91 -19.33 23.69
CA TYR A 266 -0.45 -19.31 23.45
C TYR A 266 0.22 -18.14 24.19
N ALA A 267 1.46 -18.38 24.61
CA ALA A 267 2.31 -17.36 25.22
C ALA A 267 3.00 -16.58 24.14
N GLY A 268 3.14 -17.21 22.97
CA GLY A 268 3.94 -16.64 21.89
C GLY A 268 5.43 -16.61 22.19
N LEU A 269 6.19 -16.11 21.21
CA LEU A 269 7.64 -16.06 21.27
C LEU A 269 8.10 -14.61 21.43
N THR A 270 9.31 -14.45 21.96
CA THR A 270 9.96 -13.16 22.01
C THR A 270 10.55 -12.87 20.64
N PHE A 271 11.02 -11.64 20.46
CA PHE A 271 11.47 -11.15 19.17
C PHE A 271 12.86 -11.61 18.74
N PRO A 272 13.77 -11.87 19.71
CA PRO A 272 15.01 -12.58 19.35
C PRO A 272 14.79 -13.97 18.77
N LYS A 273 13.70 -14.63 19.15
CA LYS A 273 13.38 -15.95 18.61
C LYS A 273 12.61 -15.84 17.30
N LEU A 274 11.70 -14.86 17.21
CA LEU A 274 10.99 -14.57 15.96
C LEU A 274 11.91 -14.07 14.86
N PHE A 275 12.88 -13.24 15.25
CA PHE A 275 13.83 -12.65 14.31
C PHE A 275 15.26 -12.84 14.83
N PRO A 276 15.80 -14.07 14.69
CA PRO A 276 17.16 -14.41 15.13
C PRO A 276 18.25 -13.51 14.58
N ASP A 277 19.38 -13.45 15.29
CA ASP A 277 20.51 -12.58 14.92
C ASP A 277 21.11 -12.89 13.53
N SER A 278 21.00 -14.14 13.10
CA SER A 278 21.47 -14.59 11.79
C SER A 278 20.71 -14.05 10.60
N LEU A 279 19.58 -13.41 10.82
CA LEU A 279 18.78 -12.86 9.72
C LEU A 279 19.24 -11.46 9.30
N PHE A 280 20.00 -10.79 10.16
CA PHE A 280 20.38 -9.43 9.89
C PHE A 280 21.83 -9.40 9.43
N PRO A 281 22.27 -8.30 8.87
CA PRO A 281 23.70 -8.12 8.72
C PRO A 281 24.20 -7.66 10.07
N ALA A 282 25.07 -8.47 10.66
CA ALA A 282 25.73 -8.07 11.89
C ALA A 282 27.18 -8.55 11.94
N ASP A 283 28.00 -8.03 11.03
CA ASP A 283 29.46 -8.29 11.05
C ASP A 283 30.21 -7.17 11.78
N SER A 284 29.89 -5.92 11.47
CA SER A 284 30.53 -4.78 12.10
C SER A 284 29.71 -4.28 13.28
N GLU A 285 30.33 -3.43 14.06
CA GLU A 285 29.67 -2.82 15.19
C GLU A 285 28.49 -1.96 14.73
N HIS A 286 28.64 -1.26 13.61
CA HIS A 286 27.53 -0.50 13.05
C HIS A 286 26.34 -1.39 12.80
N ASN A 287 26.58 -2.57 12.24
CA ASN A 287 25.47 -3.40 11.84
C ASN A 287 24.87 -4.18 13.00
N LYS A 288 25.68 -4.49 14.02
CA LYS A 288 25.19 -5.11 15.25
C LYS A 288 24.23 -4.19 15.98
N LEU A 289 24.61 -2.92 16.12
CA LEU A 289 23.76 -1.95 16.74
C LEU A 289 22.45 -1.76 15.93
N LYS A 290 22.57 -1.60 14.61
CA LYS A 290 21.37 -1.39 13.76
C LYS A 290 20.46 -2.61 13.82
N ALA A 291 21.04 -3.80 13.85
CA ALA A 291 20.26 -5.01 14.09
C ALA A 291 19.38 -4.94 15.35
N SER A 292 19.95 -4.69 16.52
CA SER A 292 19.11 -4.61 17.73
C SER A 292 18.07 -3.48 17.63
N GLN A 293 18.43 -2.38 16.99
CA GLN A 293 17.48 -1.27 16.78
C GLN A 293 16.35 -1.64 15.83
N ALA A 294 16.64 -2.45 14.82
CA ALA A 294 15.64 -2.93 13.89
C ALA A 294 14.65 -3.83 14.62
N ARG A 295 15.22 -4.72 15.43
CA ARG A 295 14.47 -5.69 16.20
C ARG A 295 13.61 -4.96 17.22
N ASP A 296 14.13 -3.90 17.83
CA ASP A 296 13.32 -3.08 18.73
C ASP A 296 12.08 -2.49 18.01
N LEU A 297 12.30 -1.79 16.90
CA LEU A 297 11.17 -1.23 16.12
C LEU A 297 10.13 -2.29 15.73
N LEU A 298 10.54 -3.43 15.19
CA LEU A 298 9.59 -4.51 14.92
C LEU A 298 8.71 -4.81 16.10
N SER A 299 9.33 -4.91 17.28
CA SER A 299 8.61 -5.25 18.49
C SER A 299 7.60 -4.20 18.92
N LYS A 300 7.80 -2.95 18.51
CA LYS A 300 6.82 -1.92 18.76
C LYS A 300 5.74 -1.86 17.69
N MET A 301 5.98 -2.52 16.56
CA MET A 301 5.04 -2.44 15.43
C MET A 301 4.10 -3.63 15.34
N LEU A 302 4.65 -4.83 15.48
CA LEU A 302 3.85 -6.05 15.49
C LEU A 302 3.34 -6.24 16.93
N VAL A 303 2.38 -5.40 17.28
CA VAL A 303 1.73 -5.41 18.54
C VAL A 303 0.25 -5.48 18.24
N ILE A 304 -0.39 -6.53 18.74
CA ILE A 304 -1.76 -6.83 18.41
C ILE A 304 -2.69 -5.73 18.88
N ASP A 305 -2.46 -5.23 20.07
CA ASP A 305 -3.39 -4.29 20.70
C ASP A 305 -3.03 -2.91 20.19
N PRO A 306 -3.93 -2.29 19.39
CA PRO A 306 -3.60 -0.96 18.87
C PRO A 306 -3.26 0.08 19.96
N ALA A 307 -3.84 -0.10 21.14
CA ALA A 307 -3.63 0.82 22.25
C ALA A 307 -2.20 0.77 22.75
N LYS A 308 -1.50 -0.33 22.49
CA LYS A 308 -0.08 -0.46 22.88
C LYS A 308 0.92 -0.34 21.70
N ARG A 309 0.42 -0.20 20.47
CA ARG A 309 1.27 -0.21 19.28
C ARG A 309 1.81 1.19 19.06
N ILE A 310 3.04 1.29 18.59
CA ILE A 310 3.62 2.62 18.37
C ILE A 310 2.82 3.40 17.30
N SER A 311 2.77 4.73 17.40
CA SER A 311 2.16 5.57 16.38
C SER A 311 3.10 5.85 15.22
N VAL A 312 2.60 6.53 14.20
CA VAL A 312 3.42 6.95 13.07
C VAL A 312 4.47 7.99 13.48
N ASP A 313 4.06 8.99 14.26
CA ASP A 313 4.97 10.05 14.68
C ASP A 313 6.08 9.48 15.54
N ASP A 314 5.74 8.55 16.41
CA ASP A 314 6.74 7.89 17.24
C ASP A 314 7.68 6.98 16.46
N ALA A 315 7.18 6.31 15.43
CA ALA A 315 8.03 5.49 14.57
C ALA A 315 9.03 6.34 13.76
N LEU A 316 8.61 7.55 13.41
CA LEU A 316 9.48 8.48 12.71
C LEU A 316 10.64 9.01 13.59
N GLN A 317 10.41 8.98 14.90
CA GLN A 317 11.33 9.47 15.92
C GLN A 317 12.26 8.35 16.42
N HIS A 318 11.93 7.11 16.09
CA HIS A 318 12.77 5.99 16.46
C HIS A 318 14.14 6.03 15.76
N PRO A 319 15.23 5.71 16.49
CA PRO A 319 16.63 5.82 16.03
C PRO A 319 17.01 5.04 14.77
N TYR A 320 16.27 3.99 14.47
CA TYR A 320 16.47 3.22 13.26
C TYR A 320 16.04 4.01 12.04
N ILE A 321 15.04 4.88 12.24
CA ILE A 321 14.40 5.64 11.18
C ILE A 321 14.85 7.11 11.15
N ASN A 322 15.03 7.70 12.33
CA ASN A 322 15.14 9.16 12.44
C ASN A 322 16.41 9.76 11.87
N VAL A 323 17.39 8.94 11.50
CA VAL A 323 18.58 9.53 10.83
C VAL A 323 18.15 10.22 9.52
N TRP A 324 17.05 9.77 8.92
CA TRP A 324 16.58 10.37 7.66
C TRP A 324 15.72 11.61 7.83
N TYR A 325 15.30 11.90 9.06
CA TYR A 325 14.24 12.89 9.33
C TYR A 325 14.51 14.20 8.63
N ASP A 326 13.46 14.80 8.09
CA ASP A 326 13.55 16.06 7.36
C ASP A 326 12.16 16.72 7.40
N PRO A 327 12.02 17.83 8.15
CA PRO A 327 10.69 18.46 8.27
C PRO A 327 9.98 18.69 6.93
N ALA A 328 10.74 19.06 5.90
CA ALA A 328 10.18 19.26 4.56
C ALA A 328 9.34 18.04 4.08
N GLU A 329 9.91 16.84 4.24
CA GLU A 329 9.29 15.59 3.78
C GLU A 329 8.21 15.11 4.74
N VAL A 330 8.41 15.39 6.04
CA VAL A 330 7.57 14.86 7.10
C VAL A 330 6.36 15.73 7.43
N GLU A 331 6.45 17.03 7.19
CA GLU A 331 5.41 18.00 7.59
C GLU A 331 4.93 18.88 6.44
N ALA A 332 4.68 18.27 5.29
CA ALA A 332 4.08 18.94 4.13
C ALA A 332 2.56 19.11 4.33
N PRO A 333 1.97 20.20 3.80
CA PRO A 333 0.54 20.49 4.00
C PRO A 333 -0.43 19.45 3.36
N PRO A 334 -1.62 19.27 3.95
CA PRO A 334 -2.63 18.34 3.40
C PRO A 334 -3.22 18.80 2.07
N LEU A 342 -16.80 16.09 0.49
CA LEU A 342 -16.28 14.91 1.17
C LEU A 342 -17.37 13.84 1.40
N ASP A 343 -17.97 13.33 0.33
CA ASP A 343 -19.02 12.32 0.51
C ASP A 343 -18.59 10.95 0.00
N GLU A 344 -19.10 9.90 0.62
CA GLU A 344 -18.88 8.55 0.16
C GLU A 344 -20.23 7.85 0.11
N ARG A 345 -20.69 7.48 -1.09
CA ARG A 345 -22.08 7.04 -1.26
C ARG A 345 -22.27 5.97 -2.32
N GLU A 346 -23.45 5.33 -2.28
CA GLU A 346 -23.80 4.30 -3.24
C GLU A 346 -24.48 4.87 -4.49
N HIS A 347 -24.22 4.22 -5.62
CA HIS A 347 -24.80 4.57 -6.91
C HIS A 347 -24.99 3.33 -7.79
N THR A 348 -25.79 3.51 -8.82
CA THR A 348 -25.95 2.52 -9.90
C THR A 348 -24.78 2.64 -10.88
N ILE A 349 -24.69 1.66 -11.78
CA ILE A 349 -23.80 1.68 -12.92
C ILE A 349 -23.84 2.98 -13.71
N GLU A 350 -25.03 3.37 -14.14
CA GLU A 350 -25.15 4.51 -15.04
C GLU A 350 -24.72 5.77 -14.30
N GLU A 351 -25.08 5.90 -13.03
CA GLU A 351 -24.62 7.05 -12.27
C GLU A 351 -23.08 7.07 -12.11
N TRP A 352 -22.48 5.92 -11.78
CA TRP A 352 -21.02 5.84 -11.71
C TRP A 352 -20.37 6.23 -13.02
N LYS A 353 -20.92 5.75 -14.14
CA LYS A 353 -20.33 6.04 -15.43
C LYS A 353 -20.27 7.56 -15.62
N GLU A 354 -21.30 8.27 -15.21
CA GLU A 354 -21.34 9.71 -15.29
C GLU A 354 -20.34 10.37 -14.37
N LEU A 355 -20.36 9.99 -13.10
CA LEU A 355 -19.43 10.56 -12.13
C LEU A 355 -17.99 10.46 -12.62
N ILE A 356 -17.65 9.29 -13.16
CA ILE A 356 -16.30 8.97 -13.51
C ILE A 356 -15.91 9.71 -14.78
N TYR A 357 -16.85 9.81 -15.70
CA TYR A 357 -16.57 10.48 -16.97
C TYR A 357 -16.33 11.96 -16.75
N LYS A 358 -17.03 12.55 -15.80
CA LYS A 358 -16.83 13.96 -15.47
C LYS A 358 -15.47 14.20 -14.86
N GLU A 359 -14.97 13.20 -14.16
CA GLU A 359 -13.70 13.34 -13.47
C GLU A 359 -12.56 13.24 -14.47
N VAL A 360 -12.67 12.38 -15.47
CA VAL A 360 -11.62 12.28 -16.48
C VAL A 360 -11.64 13.44 -17.48
N MET A 361 -12.81 14.06 -17.63
CA MET A 361 -12.93 15.21 -18.51
C MET A 361 -12.72 16.50 -17.75
N ASN A 362 -12.94 16.50 -16.44
CA ASN A 362 -13.08 17.75 -15.69
C ASN A 362 -14.32 18.54 -16.11
C21 3EL B . 7.18 -2.15 -11.39
C22 3EL B . 7.27 -3.67 -11.37
C23 3EL B . 8.37 -4.15 -12.32
N6 3EL B . 8.33 -5.61 -12.38
C24 3EL B . 8.16 -3.58 -13.72
C25 3EL B . 8.05 -2.06 -13.70
C20 3EL B . 6.91 -1.64 -12.80
N5 3EL B . 6.82 -0.19 -12.78
C15 3EL B . 5.71 0.41 -12.42
N3 3EL B . 4.60 -0.32 -12.23
N4 3EL B . 5.70 1.72 -12.22
C14 3EL B . 4.61 2.32 -11.84
C13 3EL B . 3.45 1.60 -11.66
C12 3EL B . 3.45 0.24 -11.86
C7 3EL B . 2.33 -0.59 -11.71
C8 3EL B . 2.53 -1.94 -11.85
C9 3EL B . 1.46 -2.80 -11.74
C10 3EL B . 0.20 -2.28 -11.49
N2 3EL B . 0.02 -0.99 -11.37
C11 3EL B . 1.04 -0.15 -11.48
O1 3EL B . 0.81 1.16 -11.37
C3 3EL B . -0.34 1.74 -10.98
C4 3EL B . -1.04 1.32 -9.86
C5 3EL B . -2.19 1.98 -9.48
C1 3EL B . -0.79 2.82 -11.72
C19 3EL B . -0.09 3.24 -12.83
C18 3EL B . -0.52 4.32 -13.58
C17 3EL B . -1.66 4.97 -13.20
C16 3EL B . -2.38 4.56 -12.08
C2 3EL B . -1.94 3.49 -11.32
C6 3EL B . -2.65 3.05 -10.20
N1 3EL B . -3.75 3.67 -9.80
S1 3EL B . -5.23 3.18 -10.24
O2 3EL B . -6.11 4.36 -10.28
O3 3EL B . -5.13 2.55 -11.56
C26 3EL B . -5.89 2.01 -9.22
C27 3EL B . -5.49 1.91 -7.89
C28 3EL B . -6.04 0.95 -7.09
C29 3EL B . -7.00 0.08 -7.60
C30 3EL B . -7.40 0.19 -8.94
C31 3EL B . -6.84 1.16 -9.74
#